data_3IG6
#
_entry.id   3IG6
#
_cell.length_a   70.855
_cell.length_b   52.294
_cell.length_c   72.580
_cell.angle_alpha   90.00
_cell.angle_beta   90.23
_cell.angle_gamma   90.00
#
_symmetry.space_group_name_H-M   'P 1 2 1'
#
loop_
_entity.id
_entity.type
_entity.pdbx_description
1 polymer 'Urokinase-type plasminogen activator'
2 polymer 'Urokinase-type plasminogen activator'
3 non-polymer "2-[(6-{[3'-(aminomethyl)biphenyl-3-yl]oxy}-4-[(3R)-3-(dimethylamino)pyrrolidin-1-yl]-3,5-difluoropyridin-2-yl)oxy]-4-(dimethylamino)benzoic acid"
4 non-polymer 'PHOSPHATE ION'
5 water water
#
loop_
_entity_poly.entity_id
_entity_poly.type
_entity_poly.pdbx_seq_one_letter_code
_entity_poly.pdbx_strand_id
1 'polypeptide(L)' KPSSPPEELKFQCGQKTLRPRFK A,C
2 'polypeptide(L)'
;IIGGEFTTIENQPWFAAIYRRHRGGSVTYVCGGSLISPCWVISATHCFIDYPKKEDYIVYLGRSRLNSNTQGEMKFEVEN
LILHKDYSADTLAHHNDIALLKIRSKEGRCAQPSRTIQTICLPSMYNDPQFGTSCEITGFGKENSTDYLYPEQLKMTVVK
LISHRECQQPHYYGSEVTTKMLCAADPQWKTDSCQGDSGGPLVCSLQGRMTLTGIVSWGRGCALKDKPGVYTRVSHFLPW
IRSHTKEENGLAL
;
B,D
#
# COMPACT_ATOMS: atom_id res chain seq x y z
N CYS A 13 11.59 14.64 -28.76
CA CYS A 13 10.28 15.15 -28.36
C CYS A 13 9.69 16.07 -29.42
N GLY A 14 8.40 16.36 -29.29
CA GLY A 14 7.72 17.14 -30.31
C GLY A 14 7.44 16.32 -31.55
N GLN A 15 6.47 15.42 -31.47
CA GLN A 15 6.11 14.57 -32.60
C GLN A 15 5.63 15.41 -33.77
N ILE B 1 -1.55 11.68 -5.50
CA ILE B 1 -0.97 13.01 -5.15
C ILE B 1 -1.75 13.66 -4.01
N ILE B 2 -1.03 14.02 -2.95
CA ILE B 2 -1.60 14.74 -1.81
C ILE B 2 -1.48 16.24 -2.06
N GLY B 3 -2.54 16.98 -1.74
CA GLY B 3 -2.59 18.37 -2.12
C GLY B 3 -2.75 18.42 -3.62
N GLY B 4 -2.29 19.49 -4.25
CA GLY B 4 -2.39 19.56 -5.69
C GLY B 4 -3.81 19.64 -6.18
N GLU B 5 -3.97 19.71 -7.49
CA GLU B 5 -5.25 20.00 -8.10
C GLU B 5 -5.57 18.97 -9.17
N PHE B 6 -6.86 18.80 -9.44
CA PHE B 6 -7.30 18.03 -10.60
C PHE B 6 -6.79 18.72 -11.87
N THR B 7 -6.41 17.91 -12.85
CA THR B 7 -5.90 18.42 -14.10
C THR B 7 -6.49 17.54 -15.21
N THR B 8 -6.23 17.90 -16.47
CA THR B 8 -6.62 17.03 -17.57
C THR B 8 -5.38 16.61 -18.35
N ILE B 9 -5.51 15.59 -19.20
CA ILE B 9 -4.36 15.04 -19.87
C ILE B 9 -3.83 16.09 -20.86
N GLU B 10 -4.72 16.97 -21.32
CA GLU B 10 -4.34 18.11 -22.16
C GLU B 10 -3.20 18.90 -21.56
N ASN B 11 -3.20 18.98 -20.22
CA ASN B 11 -2.19 19.75 -19.51
C ASN B 11 -0.95 18.91 -19.23
N GLN B 12 -1.06 17.59 -19.40
CA GLN B 12 0.03 16.66 -19.10
C GLN B 12 0.17 15.60 -20.21
N PRO B 13 0.28 16.03 -21.48
CA PRO B 13 -0.01 15.11 -22.58
C PRO B 13 0.96 13.93 -22.76
N TRP B 14 2.07 13.96 -22.04
CA TRP B 14 3.02 12.84 -22.07
C TRP B 14 2.72 11.76 -21.03
N PHE B 15 1.74 12.01 -20.15
CA PHE B 15 1.48 11.07 -19.06
C PHE B 15 0.86 9.78 -19.56
N ALA B 16 1.35 8.65 -19.07
CA ALA B 16 0.85 7.34 -19.45
C ALA B 16 0.30 6.60 -18.21
N ALA B 17 -0.87 6.02 -18.36
CA ALA B 17 -1.52 5.26 -17.29
C ALA B 17 -1.35 3.77 -17.53
N ILE B 18 -0.74 3.08 -16.56
CA ILE B 18 -0.40 1.67 -16.74
C ILE B 18 -1.26 0.80 -15.82
N TYR B 19 -1.96 -0.18 -16.42
CA TYR B 19 -2.86 -1.05 -15.67
C TYR B 19 -2.45 -2.51 -15.83
N ARG B 20 -2.95 -3.36 -14.95
CA ARG B 20 -2.76 -4.81 -15.11
C ARG B 20 -4.10 -5.45 -15.45
N ARG B 21 -4.10 -6.36 -16.41
CA ARG B 21 -5.34 -7.00 -16.87
C ARG B 21 -5.70 -8.19 -16.00
N HIS B 22 -7.00 -8.51 -15.98
CA HIS B 22 -7.50 -9.65 -15.24
C HIS B 22 -8.59 -10.38 -16.02
N ARG B 23 -8.59 -11.71 -15.90
CA ARG B 23 -9.64 -12.54 -16.49
C ARG B 23 -11.02 -11.92 -16.33
N GLY B 24 -11.72 -11.75 -17.45
CA GLY B 24 -13.05 -11.17 -17.41
C GLY B 24 -13.11 -9.80 -18.05
N GLY B 25 -11.98 -9.14 -18.16
CA GLY B 25 -11.94 -7.83 -18.81
C GLY B 25 -11.74 -6.68 -17.84
N SER B 26 -11.78 -6.97 -16.55
CA SER B 26 -11.52 -5.96 -15.53
C SER B 26 -10.01 -5.70 -15.42
N VAL B 27 -9.66 -4.49 -15.01
CA VAL B 27 -8.25 -4.13 -14.83
C VAL B 27 -8.05 -3.45 -13.49
N THR B 28 -6.81 -3.40 -13.03
CA THR B 28 -6.46 -2.63 -11.85
C THR B 28 -5.28 -1.72 -12.20
N TYR B 29 -5.35 -0.49 -11.74
CA TYR B 29 -4.27 0.47 -12.00
C TYR B 29 -2.98 -0.01 -11.36
N VAL B 30 -1.86 0.21 -12.05
CA VAL B 30 -0.55 -0.18 -11.54
C VAL B 30 0.25 1.05 -11.14
N CYS B 31 0.61 1.86 -12.13
CA CYS B 31 1.54 2.96 -11.92
C CYS B 31 1.44 3.98 -13.04
N GLY B 32 2.12 5.11 -12.86
CA GLY B 32 2.24 6.07 -13.93
C GLY B 32 3.45 5.84 -14.82
N GLY B 33 3.55 6.64 -15.88
CA GLY B 33 4.67 6.56 -16.79
C GLY B 33 4.69 7.78 -17.69
N SER B 34 5.71 7.89 -18.54
CA SER B 34 5.82 9.04 -19.45
C SER B 34 6.24 8.58 -20.84
N LEU B 35 5.60 9.14 -21.87
CA LEU B 35 5.95 8.83 -23.25
C LEU B 35 7.18 9.64 -23.68
N ILE B 36 8.28 8.94 -23.98
CA ILE B 36 9.50 9.64 -24.37
C ILE B 36 9.80 9.51 -25.87
N SER B 37 9.12 8.58 -26.51
CA SER B 37 9.18 8.46 -27.96
C SER B 37 7.91 7.75 -28.40
N PRO B 38 7.62 7.77 -29.70
CA PRO B 38 6.36 7.17 -30.16
C PRO B 38 6.13 5.75 -29.63
N CYS B 39 7.20 4.97 -29.49
CA CYS B 39 7.06 3.57 -29.10
C CYS B 39 7.50 3.26 -27.66
N TRP B 40 7.95 4.26 -26.92
CA TRP B 40 8.54 3.96 -25.61
C TRP B 40 7.95 4.80 -24.48
N VAL B 41 7.53 4.10 -23.44
CA VAL B 41 7.08 4.71 -22.19
C VAL B 41 8.09 4.35 -21.12
N ILE B 42 8.44 5.34 -20.29
CA ILE B 42 9.40 5.10 -19.23
C ILE B 42 8.65 5.18 -17.90
N SER B 43 9.01 4.29 -16.97
CA SER B 43 8.33 4.18 -15.68
C SER B 43 9.35 3.70 -14.65
N ALA B 44 8.88 3.05 -13.58
CA ALA B 44 9.76 2.56 -12.53
C ALA B 44 9.71 1.04 -12.47
N THR B 45 10.86 0.39 -12.32
CA THR B 45 10.93 -1.07 -12.29
C THR B 45 10.15 -1.67 -11.12
N HIS B 46 10.14 -1.00 -9.97
CA HIS B 46 9.53 -1.59 -8.79
C HIS B 46 8.02 -1.76 -8.95
N CYS B 47 7.46 -1.12 -9.96
CA CYS B 47 6.04 -1.25 -10.28
C CYS B 47 5.71 -2.62 -10.88
N PHE B 48 6.73 -3.31 -11.37
CA PHE B 48 6.52 -4.52 -12.17
C PHE B 48 7.27 -5.74 -11.62
N ILE B 49 8.18 -5.51 -10.69
CA ILE B 49 9.15 -6.52 -10.31
C ILE B 49 8.49 -7.80 -9.77
N ASP B 50 7.31 -7.66 -9.16
CA ASP B 50 6.60 -8.80 -8.60
C ASP B 50 5.86 -9.59 -9.66
N TYR B 51 5.49 -8.92 -10.75
CA TYR B 51 4.81 -9.57 -11.87
C TYR B 51 5.40 -9.07 -13.18
N PRO B 52 6.60 -9.53 -13.52
CA PRO B 52 7.40 -9.02 -14.64
C PRO B 52 6.93 -9.46 -16.03
N LYS B 53 5.79 -10.12 -16.11
CA LYS B 53 5.30 -10.62 -17.40
C LYS B 53 4.62 -9.53 -18.22
N LYS B 54 5.21 -9.19 -19.36
CA LYS B 54 4.72 -8.07 -20.15
C LYS B 54 3.27 -8.26 -20.63
N GLU B 55 2.85 -9.51 -20.73
CA GLU B 55 1.53 -9.81 -21.27
C GLU B 55 0.38 -9.31 -20.40
N ASP B 56 0.66 -9.07 -19.12
CA ASP B 56 -0.38 -8.74 -18.16
C ASP B 56 -0.74 -7.25 -18.13
N TYR B 57 0.03 -6.43 -18.84
CA TYR B 57 -0.10 -4.99 -18.70
C TYR B 57 -0.72 -4.30 -19.91
N ILE B 58 -1.47 -3.24 -19.65
CA ILE B 58 -1.92 -2.35 -20.71
C ILE B 58 -1.57 -0.92 -20.36
N VAL B 59 -1.33 -0.11 -21.39
CA VAL B 59 -0.97 1.29 -21.20
C VAL B 59 -1.97 2.17 -21.93
N TYR B 60 -2.47 3.20 -21.24
CA TYR B 60 -3.26 4.23 -21.89
C TYR B 60 -2.49 5.54 -22.05
N LEU B 61 -2.63 6.16 -23.21
CA LEU B 61 -2.21 7.53 -23.41
C LEU B 61 -3.44 8.40 -23.70
N GLY B 62 -3.35 9.70 -23.41
CA GLY B 62 -4.47 10.60 -23.64
C GLY B 62 -5.63 10.36 -22.69
N ARG B 63 -5.32 9.83 -21.50
CA ARG B 63 -6.36 9.45 -20.54
C ARG B 63 -6.39 10.40 -19.33
N SER B 64 -7.54 11.01 -19.07
CA SER B 64 -7.69 11.99 -17.99
C SER B 64 -8.31 11.39 -16.73
N ARG B 65 -8.96 10.24 -16.87
CA ARG B 65 -9.69 9.66 -15.76
C ARG B 65 -9.35 8.19 -15.57
N LEU B 66 -9.40 7.74 -14.32
CA LEU B 66 -8.86 6.44 -13.95
C LEU B 66 -9.75 5.29 -14.41
N ASN B 67 -11.06 5.43 -14.23
CA ASN B 67 -11.97 4.34 -14.52
C ASN B 67 -13.08 4.68 -15.51
N SER B 68 -12.89 5.75 -16.27
CA SER B 68 -13.79 6.04 -17.38
C SER B 68 -13.01 6.56 -18.58
N ASN B 69 -13.69 6.66 -19.72
CA ASN B 69 -13.01 6.98 -20.97
C ASN B 69 -12.82 8.47 -21.19
N THR B 70 -11.75 8.82 -21.89
CA THR B 70 -11.53 10.18 -22.34
C THR B 70 -11.49 10.19 -23.87
N GLN B 71 -12.15 11.17 -24.46
CA GLN B 71 -12.14 11.34 -25.91
C GLN B 71 -10.70 11.47 -26.37
N GLY B 72 -10.29 10.62 -27.32
CA GLY B 72 -8.95 10.70 -27.86
C GLY B 72 -7.91 9.81 -27.21
N GLU B 73 -8.29 9.07 -26.17
CA GLU B 73 -7.33 8.20 -25.49
C GLU B 73 -6.90 7.07 -26.42
N MET B 74 -5.69 6.55 -26.20
CA MET B 74 -5.18 5.42 -26.98
C MET B 74 -4.75 4.30 -26.02
N LYS B 75 -5.13 3.07 -26.34
CA LYS B 75 -4.78 1.92 -25.52
C LYS B 75 -3.66 1.12 -26.17
N PHE B 76 -2.69 0.66 -25.37
CA PHE B 76 -1.56 -0.09 -25.89
C PHE B 76 -1.28 -1.36 -25.10
N GLU B 77 -0.68 -2.34 -25.79
CA GLU B 77 -0.11 -3.51 -25.13
C GLU B 77 1.37 -3.25 -24.93
N VAL B 78 2.01 -4.10 -24.13
CA VAL B 78 3.44 -3.99 -23.89
C VAL B 78 4.21 -5.06 -24.65
N GLU B 79 4.97 -4.63 -25.65
CA GLU B 79 5.77 -5.54 -26.49
C GLU B 79 7.04 -5.98 -25.79
N ASN B 80 7.61 -5.09 -24.98
CA ASN B 80 8.84 -5.40 -24.29
C ASN B 80 8.82 -4.66 -22.97
N LEU B 81 8.93 -5.41 -21.88
CA LEU B 81 9.10 -4.81 -20.56
C LEU B 81 10.56 -4.94 -20.19
N ILE B 82 11.27 -3.82 -20.15
CA ILE B 82 12.68 -3.83 -19.82
C ILE B 82 12.90 -3.24 -18.44
N LEU B 83 13.29 -4.08 -17.49
CA LEU B 83 13.58 -3.61 -16.14
C LEU B 83 15.08 -3.47 -16.03
N HIS B 84 15.55 -2.56 -15.17
CA HIS B 84 16.97 -2.39 -14.98
C HIS B 84 17.51 -3.62 -14.27
N LYS B 85 18.58 -4.21 -14.83
CA LYS B 85 19.09 -5.47 -14.32
C LYS B 85 19.65 -5.31 -12.91
N ASP B 86 20.09 -4.11 -12.58
CA ASP B 86 20.66 -3.85 -11.27
C ASP B 86 19.67 -3.19 -10.30
N TYR B 87 18.39 -3.36 -10.58
CA TYR B 87 17.38 -2.86 -9.64
C TYR B 87 17.51 -3.61 -8.32
N SER B 88 17.37 -2.89 -7.22
CA SER B 88 17.26 -3.51 -5.92
C SER B 88 16.57 -2.58 -4.94
N ALA B 89 16.21 -3.12 -3.78
CA ALA B 89 15.60 -2.32 -2.73
C ALA B 89 16.21 -2.74 -1.39
N ASP B 90 16.60 -1.77 -0.58
CA ASP B 90 16.95 -2.05 0.81
C ASP B 90 15.74 -1.76 1.68
N THR B 91 15.98 -1.30 2.90
CA THR B 91 14.89 -1.11 3.85
C THR B 91 14.12 0.18 3.60
N LEU B 92 14.70 1.08 2.82
CA LEU B 92 14.07 2.38 2.59
C LEU B 92 13.94 2.71 1.10
N ALA B 93 15.00 2.47 0.32
CA ALA B 93 15.09 3.00 -1.03
C ALA B 93 14.94 1.91 -2.11
N HIS B 94 14.45 2.32 -3.28
CA HIS B 94 14.65 1.57 -4.52
C HIS B 94 15.94 2.07 -5.18
N HIS B 95 16.69 1.17 -5.80
CA HIS B 95 17.88 1.54 -6.56
C HIS B 95 17.68 1.21 -8.04
N ASN B 96 18.24 2.05 -8.91
CA ASN B 96 18.10 1.85 -10.35
C ASN B 96 16.65 1.58 -10.74
N ASP B 97 15.77 2.41 -10.20
CA ASP B 97 14.33 2.21 -10.30
C ASP B 97 13.82 2.86 -11.58
N ILE B 98 14.06 2.17 -12.70
CA ILE B 98 13.71 2.72 -13.99
C ILE B 98 13.39 1.57 -14.94
N ALA B 99 12.31 1.72 -15.69
CA ALA B 99 11.84 0.66 -16.57
C ALA B 99 11.41 1.25 -17.90
N LEU B 100 11.52 0.46 -18.95
CA LEU B 100 11.06 0.89 -20.27
C LEU B 100 9.99 -0.08 -20.75
N LEU B 101 8.92 0.48 -21.28
CA LEU B 101 7.84 -0.29 -21.84
C LEU B 101 7.73 0.07 -23.31
N LYS B 102 7.99 -0.92 -24.17
CA LYS B 102 7.76 -0.75 -25.60
C LYS B 102 6.27 -0.99 -25.83
N ILE B 103 5.59 0.02 -26.36
CA ILE B 103 4.14 -0.05 -26.51
C ILE B 103 3.71 -0.31 -27.94
N ARG B 104 2.58 -1.00 -28.07
CA ARG B 104 2.04 -1.36 -29.39
C ARG B 104 0.53 -1.47 -29.26
N SER B 105 -0.18 -0.73 -30.11
CA SER B 105 -1.64 -0.76 -30.10
C SER B 105 -2.11 -2.12 -30.63
N LYS B 106 -3.40 -2.40 -30.45
CA LYS B 106 -3.98 -3.64 -30.95
C LYS B 106 -3.72 -3.78 -32.45
N GLU B 107 -3.70 -2.65 -33.14
CA GLU B 107 -3.51 -2.64 -34.60
C GLU B 107 -2.04 -2.57 -34.99
N GLY B 108 -1.15 -2.51 -34.01
CA GLY B 108 0.27 -2.66 -34.28
C GLY B 108 1.04 -1.35 -34.47
N ARG B 109 0.43 -0.22 -34.13
CA ARG B 109 1.12 1.05 -34.28
C ARG B 109 1.59 1.61 -32.94
N CYS B 110 2.56 2.50 -32.99
CA CYS B 110 3.01 3.18 -31.78
C CYS B 110 2.13 4.40 -31.56
N ALA B 111 2.53 5.29 -30.65
CA ALA B 111 1.71 6.44 -30.32
C ALA B 111 1.69 7.48 -31.45
N GLN B 112 0.55 8.14 -31.61
CA GLN B 112 0.42 9.23 -32.58
C GLN B 112 0.13 10.54 -31.88
N PRO B 113 0.80 11.62 -32.29
CA PRO B 113 0.65 12.94 -31.67
C PRO B 113 -0.77 13.52 -31.77
N SER B 114 -1.14 14.31 -30.77
CA SER B 114 -2.44 14.97 -30.73
C SER B 114 -2.39 15.99 -29.60
N ARG B 115 -3.51 16.65 -29.34
CA ARG B 115 -3.56 17.64 -28.28
C ARG B 115 -3.42 16.98 -26.91
N THR B 116 -3.77 15.69 -26.85
CA THR B 116 -3.76 14.96 -25.58
C THR B 116 -2.65 13.91 -25.49
N ILE B 117 -1.85 13.79 -26.54
CA ILE B 117 -0.74 12.83 -26.53
C ILE B 117 0.52 13.48 -27.15
N GLN B 118 1.56 13.63 -26.33
CA GLN B 118 2.81 14.26 -26.75
C GLN B 118 3.95 13.58 -25.99
N THR B 119 5.16 13.65 -26.54
CA THR B 119 6.33 13.15 -25.82
C THR B 119 6.89 14.25 -24.93
N ILE B 120 7.50 13.88 -23.81
CA ILE B 120 8.31 14.84 -23.03
C ILE B 120 9.74 14.72 -23.51
N CYS B 121 10.49 15.81 -23.39
CA CYS B 121 11.90 15.80 -23.76
C CYS B 121 12.71 15.18 -22.65
N LEU B 122 13.77 14.46 -23.02
CA LEU B 122 14.73 13.97 -22.03
C LEU B 122 15.74 15.06 -21.70
N PRO B 123 16.31 15.01 -20.50
CA PRO B 123 17.35 15.97 -20.09
C PRO B 123 18.65 15.68 -20.84
N SER B 124 19.59 16.61 -20.73
CA SER B 124 20.97 16.39 -21.20
C SER B 124 21.76 15.71 -20.08
N MET B 125 22.83 15.01 -20.41
CA MET B 125 23.57 14.26 -19.42
C MET B 125 24.10 15.15 -18.29
N TYR B 126 23.81 14.75 -17.05
CA TYR B 126 24.29 15.43 -15.87
C TYR B 126 23.78 16.86 -15.76
N ASN B 127 22.85 17.24 -16.64
CA ASN B 127 22.26 18.56 -16.60
C ASN B 127 20.87 18.53 -16.00
N ASP B 128 20.75 19.04 -14.77
CA ASP B 128 19.47 19.17 -14.10
C ASP B 128 19.37 20.57 -13.50
N PRO B 129 18.14 21.05 -13.27
CA PRO B 129 17.90 22.34 -12.64
C PRO B 129 18.50 22.42 -11.25
N GLN B 130 18.86 23.62 -10.81
CA GLN B 130 19.44 23.80 -9.49
C GLN B 130 18.36 23.65 -8.42
N PHE B 131 18.76 23.25 -7.22
CA PHE B 131 17.81 23.12 -6.13
C PHE B 131 17.00 24.40 -5.98
N GLY B 132 15.76 24.27 -5.53
CA GLY B 132 14.88 25.43 -5.43
C GLY B 132 13.97 25.60 -6.64
N THR B 133 14.31 24.94 -7.74
CA THR B 133 13.50 25.02 -8.95
C THR B 133 12.18 24.29 -8.77
N SER B 134 11.10 24.92 -9.25
CA SER B 134 9.77 24.30 -9.22
C SER B 134 9.61 23.32 -10.37
N CYS B 135 9.11 22.14 -10.06
CA CYS B 135 8.79 21.16 -11.08
C CYS B 135 7.44 20.54 -10.73
N GLU B 136 6.82 19.87 -11.69
CA GLU B 136 5.50 19.32 -11.45
C GLU B 136 5.50 17.81 -11.48
N ILE B 137 4.59 17.21 -10.72
CA ILE B 137 4.40 15.77 -10.74
C ILE B 137 2.95 15.51 -11.06
N THR B 138 2.67 14.36 -11.68
CA THR B 138 1.32 14.04 -12.08
C THR B 138 1.04 12.57 -11.79
N GLY B 139 -0.21 12.26 -11.44
CA GLY B 139 -0.57 10.87 -11.19
C GLY B 139 -1.98 10.64 -10.70
N PHE B 140 -2.36 9.37 -10.65
CA PHE B 140 -3.68 8.96 -10.16
C PHE B 140 -3.58 8.42 -8.73
N GLY B 141 -2.42 8.59 -8.11
CA GLY B 141 -2.20 8.04 -6.78
C GLY B 141 -3.15 8.61 -5.74
N LYS B 142 -3.17 8.01 -4.55
CA LYS B 142 -4.08 8.44 -3.49
C LYS B 142 -3.86 9.90 -3.12
N GLU B 143 -4.94 10.59 -2.74
CA GLU B 143 -4.82 11.99 -2.36
C GLU B 143 -5.10 12.20 -0.87
N ASN B 144 -5.39 11.11 -0.17
CA ASN B 144 -5.78 11.17 1.23
C ASN B 144 -5.54 9.81 1.87
N SER B 145 -4.96 9.79 3.07
CA SER B 145 -4.58 8.54 3.73
C SER B 145 -5.79 7.69 4.10
N THR B 146 -6.93 8.33 4.33
CA THR B 146 -8.11 7.60 4.78
C THR B 146 -8.96 7.10 3.62
N ASP B 147 -8.64 7.58 2.41
CA ASP B 147 -9.33 7.11 1.21
C ASP B 147 -9.08 5.64 0.96
N TYR B 148 -10.10 4.95 0.49
CA TYR B 148 -9.93 3.61 -0.08
C TYR B 148 -9.96 3.70 -1.61
N LEU B 149 -10.43 4.84 -2.11
CA LEU B 149 -10.48 5.09 -3.55
C LEU B 149 -9.35 6.00 -3.99
N TYR B 150 -8.78 5.71 -5.15
CA TYR B 150 -7.88 6.66 -5.81
C TYR B 150 -8.74 7.72 -6.51
N PRO B 151 -8.18 8.90 -6.76
CA PRO B 151 -8.96 9.91 -7.48
C PRO B 151 -9.32 9.45 -8.89
N GLU B 152 -10.55 9.74 -9.30
CA GLU B 152 -11.01 9.38 -10.64
C GLU B 152 -10.42 10.30 -11.69
N GLN B 153 -10.14 11.54 -11.30
CA GLN B 153 -9.55 12.53 -12.20
C GLN B 153 -8.05 12.65 -11.95
N LEU B 154 -7.27 12.77 -13.02
CA LEU B 154 -5.83 12.95 -12.93
C LEU B 154 -5.50 14.14 -12.02
N LYS B 155 -4.41 14.04 -11.28
CA LYS B 155 -4.00 15.15 -10.43
C LYS B 155 -2.57 15.58 -10.73
N MET B 156 -2.26 16.82 -10.37
CA MET B 156 -0.91 17.30 -10.44
C MET B 156 -0.63 18.18 -9.24
N THR B 157 0.65 18.40 -8.96
CA THR B 157 1.02 19.42 -8.00
C THR B 157 2.41 19.94 -8.34
N VAL B 158 2.83 20.98 -7.64
CA VAL B 158 4.14 21.55 -7.88
C VAL B 158 5.00 21.37 -6.62
N VAL B 159 6.19 20.81 -6.81
CA VAL B 159 7.17 20.69 -5.74
C VAL B 159 8.48 21.34 -6.16
N LYS B 160 9.37 21.54 -5.19
CA LYS B 160 10.66 22.14 -5.46
C LYS B 160 11.82 21.18 -5.23
N LEU B 161 12.80 21.22 -6.12
CA LEU B 161 13.97 20.35 -6.03
C LEU B 161 14.79 20.65 -4.79
N ILE B 162 15.26 19.59 -4.13
CA ILE B 162 16.09 19.71 -2.94
C ILE B 162 17.50 19.23 -3.27
N SER B 163 18.51 19.95 -2.81
CA SER B 163 19.90 19.60 -3.15
C SER B 163 20.24 18.22 -2.62
N HIS B 164 21.19 17.55 -3.26
CA HIS B 164 21.62 16.22 -2.82
C HIS B 164 22.21 16.28 -1.41
N ARG B 165 22.91 17.36 -1.09
CA ARG B 165 23.54 17.49 0.21
C ARG B 165 22.51 17.69 1.33
N GLU B 166 21.42 18.38 1.02
CA GLU B 166 20.34 18.52 1.98
C GLU B 166 19.65 17.18 2.23
N CYS B 167 19.36 16.44 1.16
CA CYS B 167 18.63 15.20 1.27
C CYS B 167 19.47 14.12 1.97
N GLN B 168 20.79 14.24 1.89
CA GLN B 168 21.68 13.28 2.52
C GLN B 168 21.95 13.62 3.98
N GLN B 169 21.39 14.72 4.46
CA GLN B 169 21.49 15.05 5.88
C GLN B 169 20.75 13.99 6.70
N PRO B 170 21.20 13.75 7.93
CA PRO B 170 20.70 12.63 8.73
C PRO B 170 19.21 12.67 9.04
N HIS B 171 18.65 13.85 9.25
CA HIS B 171 17.24 13.95 9.56
C HIS B 171 16.37 13.94 8.32
N TYR B 172 17.01 13.87 7.16
CA TYR B 172 16.31 13.58 5.92
C TYR B 172 16.47 12.10 5.61
N TYR B 173 17.33 11.76 4.65
CA TYR B 173 17.52 10.35 4.29
C TYR B 173 18.94 9.82 4.44
N GLY B 174 19.87 10.70 4.76
CA GLY B 174 21.25 10.26 4.95
C GLY B 174 21.84 9.61 3.72
N SER B 175 22.59 8.53 3.91
CA SER B 175 23.29 7.88 2.80
C SER B 175 22.35 7.07 1.93
N GLU B 176 21.06 7.13 2.24
CA GLU B 176 20.06 6.33 1.55
C GLU B 176 19.77 6.89 0.16
N VAL B 177 20.00 8.19 -0.02
CA VAL B 177 19.87 8.79 -1.35
C VAL B 177 21.23 8.95 -2.03
N THR B 178 21.32 8.45 -3.26
CA THR B 178 22.56 8.47 -4.01
C THR B 178 22.49 9.55 -5.08
N THR B 179 23.59 9.74 -5.81
CA THR B 179 23.64 10.75 -6.85
C THR B 179 22.74 10.38 -8.03
N LYS B 180 22.26 9.14 -8.06
CA LYS B 180 21.36 8.67 -9.10
C LYS B 180 19.91 8.93 -8.73
N MET B 181 19.68 9.62 -7.61
CA MET B 181 18.33 9.99 -7.20
C MET B 181 18.23 11.50 -7.11
N LEU B 182 17.01 12.02 -7.15
CA LEU B 182 16.80 13.42 -6.77
C LEU B 182 15.64 13.53 -5.79
N CYS B 183 15.72 14.52 -4.90
CA CYS B 183 14.65 14.77 -3.95
C CYS B 183 13.88 16.03 -4.29
N ALA B 184 12.59 16.02 -3.98
CA ALA B 184 11.75 17.19 -4.19
C ALA B 184 10.62 17.18 -3.17
N ALA B 185 10.23 18.36 -2.72
CA ALA B 185 9.20 18.48 -1.71
C ALA B 185 8.54 19.85 -1.78
N ASP B 186 7.37 19.97 -1.16
CA ASP B 186 6.76 21.26 -0.93
C ASP B 186 7.48 21.89 0.26
N PRO B 187 7.80 23.19 0.17
CA PRO B 187 8.49 23.83 1.30
C PRO B 187 7.68 23.78 2.60
N GLN B 188 6.37 23.65 2.48
CA GLN B 188 5.51 23.53 3.66
C GLN B 188 5.07 22.09 3.94
N TRP B 189 5.57 21.15 3.15
CA TRP B 189 5.26 19.73 3.34
C TRP B 189 3.75 19.48 3.27
N LYS B 190 3.09 20.09 2.29
CA LYS B 190 1.64 19.97 2.17
C LYS B 190 1.24 19.14 0.95
N THR B 191 2.14 19.06 -0.02
CA THR B 191 1.82 18.31 -1.23
C THR B 191 2.98 17.39 -1.62
N ASP B 192 2.65 16.24 -2.18
CA ASP B 192 3.65 15.18 -2.37
C ASP B 192 3.07 14.09 -3.24
N SER B 193 3.95 13.25 -3.79
CA SER B 193 3.52 12.01 -4.43
C SER B 193 3.01 11.07 -3.34
N CYS B 194 2.22 10.08 -3.72
CA CYS B 194 1.74 9.10 -2.75
C CYS B 194 1.54 7.74 -3.44
N GLN B 195 0.97 6.77 -2.72
CA GLN B 195 0.76 5.45 -3.26
C GLN B 195 0.05 5.49 -4.60
N GLY B 196 0.63 4.86 -5.60
CA GLY B 196 0.02 4.85 -6.93
C GLY B 196 0.65 5.86 -7.87
N ASP B 197 1.42 6.79 -7.33
CA ASP B 197 2.05 7.81 -8.15
C ASP B 197 3.41 7.36 -8.73
N SER B 198 3.98 6.30 -8.16
CA SER B 198 5.26 5.77 -8.65
C SER B 198 5.24 5.50 -10.15
N GLY B 199 6.39 5.67 -10.79
CA GLY B 199 6.49 5.52 -12.23
C GLY B 199 6.21 6.81 -12.98
N GLY B 200 5.46 7.72 -12.35
CA GLY B 200 5.03 8.94 -13.02
C GLY B 200 6.14 9.98 -13.15
N PRO B 201 5.92 11.02 -13.96
CA PRO B 201 6.94 12.02 -14.27
C PRO B 201 7.09 13.13 -13.22
N LEU B 202 8.33 13.49 -12.97
CA LEU B 202 8.66 14.79 -12.39
C LEU B 202 9.18 15.64 -13.55
N VAL B 203 8.48 16.72 -13.86
CA VAL B 203 8.77 17.50 -15.04
C VAL B 203 9.19 18.91 -14.66
N CYS B 204 10.27 19.38 -15.26
CA CYS B 204 10.67 20.77 -15.10
C CYS B 204 10.73 21.45 -16.46
N SER B 205 10.23 22.69 -16.51
CA SER B 205 10.20 23.45 -17.74
C SER B 205 11.53 24.17 -17.93
N LEU B 206 12.32 23.71 -18.90
CA LEU B 206 13.62 24.29 -19.16
C LEU B 206 13.60 25.09 -20.45
N GLN B 207 13.82 26.40 -20.34
CA GLN B 207 13.84 27.27 -21.50
C GLN B 207 12.56 27.06 -22.33
N GLY B 208 11.47 26.76 -21.65
CA GLY B 208 10.20 26.60 -22.33
C GLY B 208 9.84 25.16 -22.63
N ARG B 209 10.85 24.30 -22.79
CA ARG B 209 10.59 22.91 -23.12
C ARG B 209 10.46 22.06 -21.87
N MET B 210 9.38 21.29 -21.79
CA MET B 210 9.12 20.45 -20.63
C MET B 210 10.04 19.23 -20.67
N THR B 211 10.78 19.03 -19.59
CA THR B 211 11.83 18.01 -19.56
C THR B 211 11.60 16.99 -18.46
N LEU B 212 11.73 15.71 -18.81
CA LEU B 212 11.57 14.63 -17.83
C LEU B 212 12.81 14.56 -16.95
N THR B 213 12.71 15.10 -15.75
CA THR B 213 13.84 15.20 -14.85
C THR B 213 13.88 14.03 -13.87
N GLY B 214 12.72 13.64 -13.36
CA GLY B 214 12.69 12.52 -12.43
C GLY B 214 11.56 11.53 -12.69
N ILE B 215 11.66 10.37 -12.08
CA ILE B 215 10.57 9.39 -12.05
C ILE B 215 10.24 9.08 -10.59
N VAL B 216 8.96 9.19 -10.23
CA VAL B 216 8.53 8.98 -8.84
C VAL B 216 8.98 7.60 -8.40
N SER B 217 9.70 7.52 -7.29
CA SER B 217 10.23 6.24 -6.86
C SER B 217 9.86 5.84 -5.45
N TRP B 218 10.23 6.67 -4.46
CA TRP B 218 9.97 6.32 -3.07
C TRP B 218 9.99 7.52 -2.14
N GLY B 219 9.73 7.26 -0.86
CA GLY B 219 9.86 8.28 0.15
C GLY B 219 9.60 7.67 1.51
N ARG B 220 9.15 8.48 2.45
CA ARG B 220 8.66 7.95 3.71
C ARG B 220 7.32 8.58 4.00
N GLY B 221 6.26 7.79 3.88
CA GLY B 221 4.91 8.34 3.97
C GLY B 221 4.60 9.26 2.81
N CYS B 222 3.57 10.08 2.98
CA CYS B 222 3.19 11.07 1.97
C CYS B 222 3.05 12.43 2.65
N ALA B 223 3.78 13.43 2.15
CA ALA B 223 3.77 14.76 2.73
C ALA B 223 4.14 14.75 4.20
N LEU B 224 5.16 14.00 4.56
CA LEU B 224 5.68 14.03 5.93
C LEU B 224 6.83 15.03 6.02
N LYS B 225 6.85 15.80 7.10
CA LYS B 225 7.89 16.79 7.32
C LYS B 225 9.27 16.14 7.28
N ASP B 226 10.19 16.78 6.55
CA ASP B 226 11.57 16.33 6.44
C ASP B 226 11.74 15.00 5.70
N LYS B 227 10.69 14.59 5.01
CA LYS B 227 10.78 13.38 4.19
C LYS B 227 10.30 13.66 2.77
N PRO B 228 11.19 14.22 1.94
CA PRO B 228 10.85 14.54 0.55
C PRO B 228 10.53 13.32 -0.28
N GLY B 229 9.85 13.55 -1.40
CA GLY B 229 9.70 12.47 -2.37
C GLY B 229 11.05 12.23 -3.02
N VAL B 230 11.31 10.99 -3.38
CA VAL B 230 12.59 10.66 -4.01
C VAL B 230 12.31 10.12 -5.41
N TYR B 231 13.07 10.60 -6.38
CA TYR B 231 12.81 10.30 -7.77
C TYR B 231 14.07 9.71 -8.41
N THR B 232 13.89 8.86 -9.40
CA THR B 232 15.01 8.41 -10.20
C THR B 232 15.51 9.59 -11.02
N ARG B 233 16.82 9.81 -11.02
CA ARG B 233 17.39 10.96 -11.72
C ARG B 233 17.70 10.60 -13.16
N VAL B 234 16.81 10.99 -14.05
CA VAL B 234 16.81 10.50 -15.42
C VAL B 234 18.09 10.89 -16.17
N SER B 235 18.69 12.02 -15.80
CA SER B 235 19.85 12.53 -16.50
C SER B 235 21.08 11.63 -16.28
N HIS B 236 20.94 10.65 -15.40
CA HIS B 236 22.04 9.74 -15.12
C HIS B 236 21.81 8.36 -15.71
N PHE B 237 20.70 8.19 -16.43
CA PHE B 237 20.41 6.94 -17.12
C PHE B 237 20.31 7.09 -18.63
N LEU B 238 20.75 8.23 -19.16
CA LEU B 238 20.62 8.48 -20.58
C LEU B 238 21.28 7.40 -21.42
N PRO B 239 22.49 6.95 -21.02
CA PRO B 239 23.10 5.84 -21.77
C PRO B 239 22.23 4.59 -21.76
N TRP B 240 21.69 4.23 -20.60
CA TRP B 240 20.83 3.06 -20.48
C TRP B 240 19.60 3.20 -21.36
N ILE B 241 18.98 4.37 -21.34
CA ILE B 241 17.80 4.63 -22.14
C ILE B 241 18.13 4.54 -23.63
N ARG B 242 19.19 5.25 -24.01
CA ARG B 242 19.62 5.30 -25.40
C ARG B 242 19.91 3.91 -25.96
N SER B 243 20.60 3.08 -25.20
CA SER B 243 21.02 1.77 -25.69
C SER B 243 19.89 0.75 -25.75
N HIS B 244 18.96 0.82 -24.80
CA HIS B 244 17.84 -0.11 -24.77
C HIS B 244 16.70 0.32 -25.67
N THR B 245 16.82 1.52 -26.22
CA THR B 245 15.81 2.06 -27.12
C THR B 245 16.31 2.08 -28.57
N LYS C 10 3.13 -17.52 32.39
CA LYS C 10 1.94 -16.89 32.95
C LYS C 10 0.91 -16.63 31.85
N PHE C 11 1.37 -16.08 30.72
CA PHE C 11 0.57 -16.10 29.50
C PHE C 11 0.34 -17.56 29.10
N GLN C 12 -0.83 -17.84 28.54
CA GLN C 12 -1.12 -19.15 27.97
C GLN C 12 -1.83 -18.96 26.64
N CYS C 13 -1.07 -18.96 25.56
CA CYS C 13 -1.58 -18.50 24.28
C CYS C 13 -2.89 -19.20 23.89
N GLY C 14 -3.84 -18.40 23.43
CA GLY C 14 -5.07 -18.96 22.88
C GLY C 14 -6.15 -19.32 23.89
N GLN C 15 -5.86 -19.15 25.18
CA GLN C 15 -6.81 -19.55 26.21
C GLN C 15 -7.58 -18.37 26.78
N LYS C 16 -8.91 -18.44 26.73
CA LYS C 16 -9.76 -17.40 27.31
C LYS C 16 -10.11 -17.75 28.75
N THR C 17 -10.59 -16.76 29.50
CA THR C 17 -11.00 -16.95 30.89
C THR C 17 -12.35 -16.30 31.19
N LEU C 18 -12.69 -16.20 32.47
CA LEU C 18 -13.97 -15.64 32.90
C LEU C 18 -13.93 -14.11 32.85
N ILE D 1 -16.99 -4.78 11.74
CA ILE D 1 -17.62 -6.14 11.58
C ILE D 1 -19.07 -5.99 11.13
N ILE D 2 -19.41 -6.61 10.00
CA ILE D 2 -20.79 -6.67 9.56
C ILE D 2 -21.46 -7.91 10.17
N GLY D 3 -22.61 -7.72 10.79
CA GLY D 3 -23.26 -8.85 11.43
C GLY D 3 -22.56 -9.18 12.73
N GLY D 4 -22.63 -10.44 13.16
CA GLY D 4 -21.99 -10.84 14.39
C GLY D 4 -22.69 -10.23 15.60
N GLU D 5 -21.93 -10.05 16.68
CA GLU D 5 -22.50 -9.46 17.89
C GLU D 5 -21.48 -8.58 18.59
N PHE D 6 -21.98 -7.64 19.38
CA PHE D 6 -21.13 -6.94 20.33
C PHE D 6 -20.58 -7.93 21.35
N THR D 7 -19.34 -7.72 21.77
CA THR D 7 -18.73 -8.62 22.73
C THR D 7 -17.90 -7.82 23.72
N THR D 8 -17.21 -8.51 24.61
CA THR D 8 -16.29 -7.85 25.52
C THR D 8 -14.89 -8.39 25.29
N ILE D 9 -13.87 -7.70 25.79
CA ILE D 9 -12.50 -8.07 25.46
C ILE D 9 -12.15 -9.43 26.06
N GLU D 10 -12.87 -9.83 27.11
CA GLU D 10 -12.64 -11.13 27.74
C GLU D 10 -12.73 -12.27 26.73
N ASN D 11 -13.55 -12.07 25.70
CA ASN D 11 -13.80 -13.07 24.68
C ASN D 11 -12.78 -13.05 23.54
N GLN D 12 -11.97 -11.99 23.50
CA GLN D 12 -10.86 -11.93 22.54
C GLN D 12 -9.68 -11.20 23.18
N PRO D 13 -9.08 -11.79 24.22
CA PRO D 13 -8.14 -11.11 25.12
C PRO D 13 -6.79 -10.75 24.49
N TRP D 14 -6.54 -11.25 23.29
CA TRP D 14 -5.32 -10.94 22.53
C TRP D 14 -5.54 -9.73 21.60
N PHE D 15 -6.77 -9.23 21.53
CA PHE D 15 -7.06 -8.12 20.61
C PHE D 15 -6.43 -6.80 21.05
N ALA D 16 -5.76 -6.14 20.11
CA ALA D 16 -5.12 -4.85 20.36
C ALA D 16 -5.79 -3.76 19.54
N ALA D 17 -6.13 -2.66 20.19
CA ALA D 17 -6.74 -1.53 19.51
C ALA D 17 -5.69 -0.46 19.30
N ILE D 18 -5.47 -0.07 18.05
CA ILE D 18 -4.35 0.79 17.71
C ILE D 18 -4.84 2.16 17.24
N TYR D 19 -4.32 3.22 17.84
CA TYR D 19 -4.77 4.58 17.55
C TYR D 19 -3.60 5.45 17.09
N ARG D 20 -3.93 6.58 16.48
CA ARG D 20 -2.91 7.53 16.05
C ARG D 20 -3.14 8.91 16.68
N ARG D 21 -2.08 9.46 17.25
CA ARG D 21 -2.13 10.81 17.81
C ARG D 21 -1.87 11.82 16.71
N HIS D 22 -2.63 12.91 16.73
CA HIS D 22 -2.41 14.00 15.79
C HIS D 22 -1.71 15.17 16.49
N SER D 26 -5.50 15.53 18.93
CA SER D 26 -6.62 14.61 18.92
C SER D 26 -6.15 13.20 18.52
N VAL D 27 -6.96 12.20 18.85
CA VAL D 27 -6.59 10.82 18.57
C VAL D 27 -7.67 10.12 17.75
N THR D 28 -7.26 9.37 16.74
CA THR D 28 -8.21 8.63 15.92
C THR D 28 -7.84 7.16 15.87
N TYR D 29 -8.85 6.31 15.74
CA TYR D 29 -8.64 4.87 15.65
C TYR D 29 -8.01 4.56 14.30
N VAL D 30 -7.03 3.66 14.30
CA VAL D 30 -6.32 3.29 13.09
C VAL D 30 -6.74 1.88 12.64
N CYS D 31 -6.46 0.89 13.49
CA CYS D 31 -6.58 -0.51 13.09
C CYS D 31 -6.60 -1.43 14.32
N GLY D 32 -6.93 -2.70 14.09
CA GLY D 32 -6.75 -3.72 15.10
C GLY D 32 -5.39 -4.40 15.04
N GLY D 33 -5.17 -5.33 15.96
CA GLY D 33 -3.91 -6.06 16.01
C GLY D 33 -4.06 -7.21 17.00
N SER D 34 -3.01 -8.02 17.13
CA SER D 34 -3.06 -9.20 18.01
C SER D 34 -1.78 -9.34 18.81
N LEU D 35 -1.92 -9.66 20.10
CA LEU D 35 -0.76 -9.89 20.96
C LEU D 35 -0.18 -11.30 20.76
N ILE D 36 1.03 -11.39 20.22
CA ILE D 36 1.64 -12.71 19.98
C ILE D 36 2.75 -13.07 20.96
N SER D 37 3.17 -12.09 21.75
CA SER D 37 4.09 -12.32 22.86
C SER D 37 4.00 -11.12 23.78
N PRO D 38 4.66 -11.16 24.94
CA PRO D 38 4.48 -10.03 25.86
C PRO D 38 4.79 -8.67 25.24
N CYS D 39 5.79 -8.60 24.37
CA CYS D 39 6.21 -7.32 23.83
C CYS D 39 5.84 -7.10 22.36
N TRP D 40 5.16 -8.04 21.74
CA TRP D 40 4.91 -7.90 20.30
C TRP D 40 3.44 -8.00 19.92
N VAL D 41 3.00 -7.01 19.14
CA VAL D 41 1.67 -7.04 18.54
C VAL D 41 1.84 -7.14 17.03
N ILE D 42 1.06 -8.01 16.41
CA ILE D 42 1.12 -8.15 14.97
C ILE D 42 -0.13 -7.53 14.35
N SER D 43 0.05 -6.81 13.25
CA SER D 43 -1.03 -6.08 12.59
C SER D 43 -0.73 -6.08 11.08
N ALA D 44 -1.24 -5.09 10.37
CA ALA D 44 -1.08 -5.02 8.92
C ALA D 44 -0.28 -3.78 8.51
N THR D 45 0.67 -3.92 7.60
CA THR D 45 1.45 -2.77 7.17
C THR D 45 0.63 -1.61 6.60
N HIS D 46 -0.43 -1.89 5.84
CA HIS D 46 -1.17 -0.81 5.18
C HIS D 46 -1.81 0.16 6.17
N CYS D 47 -1.94 -0.27 7.41
CA CYS D 47 -2.45 0.57 8.48
C CYS D 47 -1.52 1.73 8.84
N PHE D 48 -0.23 1.57 8.53
CA PHE D 48 0.82 2.47 9.02
C PHE D 48 1.65 3.12 7.91
N ILE D 49 1.53 2.62 6.69
CA ILE D 49 2.50 2.92 5.65
C ILE D 49 2.44 4.38 5.20
N ASP D 50 1.30 5.03 5.40
CA ASP D 50 1.14 6.44 5.05
C ASP D 50 1.79 7.35 6.09
N TYR D 51 1.88 6.87 7.31
CA TYR D 51 2.50 7.64 8.38
C TYR D 51 3.37 6.70 9.22
N PRO D 52 4.51 6.28 8.68
CA PRO D 52 5.36 5.25 9.28
C PRO D 52 6.26 5.75 10.40
N LYS D 53 5.78 6.67 11.22
CA LYS D 53 6.54 7.11 12.38
C LYS D 53 5.96 6.51 13.65
N LYS D 54 6.75 5.67 14.30
CA LYS D 54 6.26 4.88 15.43
C LYS D 54 5.76 5.76 16.57
N GLU D 55 6.24 7.00 16.63
CA GLU D 55 5.94 7.89 17.73
C GLU D 55 4.49 8.39 17.80
N ASP D 56 3.76 8.33 16.70
CA ASP D 56 2.39 8.84 16.71
C ASP D 56 1.31 7.78 16.92
N TYR D 57 1.71 6.59 17.37
CA TYR D 57 0.77 5.52 17.60
C TYR D 57 0.62 5.10 19.06
N ILE D 58 -0.61 4.75 19.43
CA ILE D 58 -0.90 4.23 20.76
C ILE D 58 -1.58 2.88 20.64
N VAL D 59 -1.17 1.93 21.48
CA VAL D 59 -1.78 0.60 21.46
C VAL D 59 -2.43 0.29 22.81
N TYR D 60 -3.68 -0.17 22.77
CA TYR D 60 -4.37 -0.61 23.97
C TYR D 60 -4.60 -2.11 23.97
N LEU D 61 -4.35 -2.74 25.11
CA LEU D 61 -4.83 -4.09 25.35
C LEU D 61 -5.88 -4.03 26.45
N GLY D 62 -6.78 -5.01 26.47
CA GLY D 62 -7.79 -5.08 27.52
C GLY D 62 -8.95 -4.13 27.32
N ARG D 63 -9.13 -3.64 26.11
CA ARG D 63 -10.12 -2.60 25.84
C ARG D 63 -11.36 -3.15 25.12
N SER D 64 -12.53 -2.89 25.67
CA SER D 64 -13.80 -3.33 25.08
C SER D 64 -14.53 -2.22 24.31
N ARG D 65 -14.15 -0.97 24.57
CA ARG D 65 -14.84 0.16 23.96
C ARG D 65 -13.89 1.10 23.22
N LEU D 66 -14.41 1.73 22.18
CA LEU D 66 -13.59 2.55 21.28
C LEU D 66 -13.14 3.85 21.96
N ASN D 67 -14.07 4.52 22.66
CA ASN D 67 -13.77 5.81 23.26
C ASN D 67 -13.94 5.85 24.77
N SER D 68 -14.20 4.70 25.38
CA SER D 68 -14.31 4.62 26.83
C SER D 68 -13.26 3.69 27.43
N ASN D 69 -12.97 3.90 28.71
CA ASN D 69 -11.98 3.09 29.41
C ASN D 69 -12.59 1.77 29.88
N THR D 70 -11.83 0.69 29.76
CA THR D 70 -12.22 -0.59 30.32
C THR D 70 -11.33 -0.92 31.52
N GLN D 71 -11.94 -1.40 32.58
CA GLN D 71 -11.20 -1.76 33.78
C GLN D 71 -10.20 -2.86 33.42
N GLY D 72 -8.92 -2.60 33.68
CA GLY D 72 -7.90 -3.58 33.39
C GLY D 72 -7.16 -3.35 32.08
N GLU D 73 -7.54 -2.31 31.35
CA GLU D 73 -6.89 -2.04 30.07
C GLU D 73 -5.47 -1.54 30.31
N MET D 74 -4.59 -1.81 29.35
CA MET D 74 -3.22 -1.33 29.40
C MET D 74 -2.95 -0.50 28.14
N LYS D 75 -2.23 0.60 28.31
CA LYS D 75 -1.89 1.49 27.21
C LYS D 75 -0.39 1.40 26.91
N PHE D 76 -0.04 1.33 25.63
CA PHE D 76 1.35 1.19 25.23
C PHE D 76 1.74 2.18 24.15
N GLU D 77 3.01 2.57 24.14
CA GLU D 77 3.60 3.26 23.00
C GLU D 77 4.32 2.23 22.14
N VAL D 78 4.70 2.62 20.94
CA VAL D 78 5.36 1.71 20.02
C VAL D 78 6.86 1.95 19.97
N GLU D 79 7.62 0.99 20.50
CA GLU D 79 9.07 1.12 20.61
C GLU D 79 9.78 0.78 19.30
N ASN D 80 9.12 -0.03 18.48
CA ASN D 80 9.65 -0.36 17.16
C ASN D 80 8.48 -0.67 16.24
N LEU D 81 8.48 -0.06 15.07
CA LEU D 81 7.47 -0.34 14.07
C LEU D 81 8.14 -0.95 12.86
N ILE D 82 7.85 -2.22 12.62
CA ILE D 82 8.49 -2.95 11.54
C ILE D 82 7.45 -3.25 10.48
N LEU D 83 7.59 -2.61 9.33
CA LEU D 83 6.68 -2.86 8.21
C LEU D 83 7.39 -3.81 7.24
N HIS D 84 6.63 -4.46 6.37
CA HIS D 84 7.24 -5.42 5.47
C HIS D 84 7.87 -4.69 4.28
N LYS D 85 9.14 -4.97 4.01
CA LYS D 85 9.89 -4.23 3.00
C LYS D 85 9.29 -4.49 1.62
N ASP D 86 8.56 -5.60 1.48
CA ASP D 86 7.93 -5.96 0.21
C ASP D 86 6.45 -5.62 0.18
N TYR D 87 5.99 -4.77 1.10
CA TYR D 87 4.60 -4.33 1.07
C TYR D 87 4.32 -3.50 -0.19
N SER D 88 3.16 -3.74 -0.80
CA SER D 88 2.64 -2.86 -1.84
C SER D 88 1.14 -3.07 -1.96
N ALA D 89 0.49 -2.21 -2.73
CA ALA D 89 -0.93 -2.40 -3.04
C ALA D 89 -1.23 -1.86 -4.42
N ASP D 90 -2.27 -2.38 -5.05
CA ASP D 90 -2.86 -1.68 -6.18
C ASP D 90 -4.17 -1.08 -5.66
N THR D 91 -5.17 -0.96 -6.51
CA THR D 91 -6.41 -0.34 -6.08
C THR D 91 -7.32 -1.30 -5.30
N LEU D 92 -6.90 -2.56 -5.20
CA LEU D 92 -7.72 -3.58 -4.56
C LEU D 92 -6.93 -4.35 -3.51
N ALA D 93 -5.87 -5.02 -3.95
CA ALA D 93 -5.13 -5.95 -3.09
C ALA D 93 -3.94 -5.30 -2.37
N HIS D 94 -3.71 -5.72 -1.14
CA HIS D 94 -2.47 -5.42 -0.43
C HIS D 94 -1.62 -6.67 -0.41
N HIS D 95 -0.32 -6.51 -0.63
CA HIS D 95 0.62 -7.63 -0.58
C HIS D 95 1.54 -7.52 0.61
N ASN D 96 1.87 -8.66 1.21
CA ASN D 96 2.81 -8.70 2.33
C ASN D 96 2.35 -7.73 3.40
N ASP D 97 1.07 -7.82 3.70
CA ASP D 97 0.40 -6.85 4.55
C ASP D 97 0.47 -7.33 6.00
N ILE D 98 1.63 -7.12 6.60
CA ILE D 98 1.90 -7.61 7.94
C ILE D 98 2.91 -6.64 8.56
N ALA D 99 2.73 -6.37 9.84
CA ALA D 99 3.57 -5.40 10.55
C ALA D 99 3.73 -5.91 11.96
N LEU D 100 4.86 -5.55 12.57
CA LEU D 100 5.12 -5.91 13.96
C LEU D 100 5.30 -4.62 14.73
N LEU D 101 4.66 -4.55 15.89
CA LEU D 101 4.81 -3.40 16.77
C LEU D 101 5.36 -3.90 18.09
N LYS D 102 6.52 -3.39 18.49
CA LYS D 102 7.05 -3.72 19.80
C LYS D 102 6.46 -2.69 20.76
N ILE D 103 5.79 -3.18 21.80
CA ILE D 103 5.07 -2.28 22.69
C ILE D 103 5.78 -2.11 24.02
N ARG D 104 5.62 -0.93 24.59
CA ARG D 104 6.16 -0.65 25.91
C ARG D 104 5.24 0.32 26.65
N SER D 105 4.94 0.01 27.90
CA SER D 105 4.09 0.87 28.71
C SER D 105 4.92 2.08 29.13
N LYS D 106 4.27 3.08 29.70
CA LYS D 106 4.96 4.31 30.11
C LYS D 106 5.90 4.01 31.27
N GLU D 107 5.63 2.92 31.97
CA GLU D 107 6.49 2.46 33.05
C GLU D 107 7.62 1.58 32.51
N GLY D 108 7.55 1.24 31.24
CA GLY D 108 8.63 0.50 30.60
C GLY D 108 8.41 -1.01 30.47
N ARG D 109 7.17 -1.44 30.69
CA ARG D 109 6.88 -2.87 30.71
C ARG D 109 6.13 -3.33 29.47
N CYS D 110 6.24 -4.62 29.16
CA CYS D 110 5.43 -5.22 28.10
C CYS D 110 4.10 -5.69 28.70
N ALA D 111 3.33 -6.43 27.93
CA ALA D 111 1.99 -6.85 28.36
C ALA D 111 2.08 -7.84 29.52
N GLN D 112 1.06 -7.83 30.37
CA GLN D 112 0.97 -8.79 31.47
C GLN D 112 -0.38 -9.51 31.47
N PRO D 113 -0.38 -10.82 31.72
CA PRO D 113 -1.58 -11.65 31.61
C PRO D 113 -2.69 -11.28 32.60
N SER D 114 -3.93 -11.40 32.14
CA SER D 114 -5.11 -11.20 32.98
C SER D 114 -6.29 -11.83 32.27
N ARG D 115 -7.50 -11.65 32.81
CA ARG D 115 -8.70 -12.15 32.16
C ARG D 115 -8.98 -11.40 30.85
N THR D 116 -8.43 -10.20 30.74
CA THR D 116 -8.67 -9.37 29.56
C THR D 116 -7.44 -9.19 28.66
N ILE D 117 -6.30 -9.72 29.08
CA ILE D 117 -5.08 -9.63 28.27
C ILE D 117 -4.34 -10.96 28.18
N GLN D 118 -4.25 -11.49 26.96
CA GLN D 118 -3.70 -12.81 26.72
C GLN D 118 -3.04 -12.84 25.34
N THR D 119 -2.07 -13.73 25.16
CA THR D 119 -1.45 -13.90 23.85
C THR D 119 -2.26 -14.88 23.01
N ILE D 120 -2.14 -14.76 21.70
CA ILE D 120 -2.72 -15.73 20.79
C ILE D 120 -1.58 -16.61 20.26
N CYS D 121 -1.85 -17.87 19.96
CA CYS D 121 -0.79 -18.75 19.48
C CYS D 121 -0.51 -18.49 18.01
N LEU D 122 0.75 -18.52 17.63
CA LEU D 122 1.10 -18.48 16.20
C LEU D 122 0.90 -19.87 15.61
N PRO D 123 0.56 -19.94 14.33
CA PRO D 123 0.41 -21.22 13.63
C PRO D 123 1.78 -21.87 13.38
N SER D 124 1.78 -23.14 13.02
CA SER D 124 3.03 -23.79 12.62
C SER D 124 3.10 -23.86 11.10
N MET D 125 4.31 -23.95 10.57
CA MET D 125 4.52 -24.00 9.13
C MET D 125 3.73 -25.15 8.52
N TYR D 126 2.94 -24.86 7.49
CA TYR D 126 2.20 -25.90 6.75
C TYR D 126 1.09 -26.55 7.59
N ASN D 127 0.52 -25.81 8.53
CA ASN D 127 -0.44 -26.36 9.47
C ASN D 127 -1.85 -25.78 9.37
N ASP D 128 -2.06 -24.89 8.41
CA ASP D 128 -3.33 -24.17 8.35
C ASP D 128 -4.54 -25.10 8.39
N PRO D 129 -5.68 -24.59 8.90
CA PRO D 129 -6.92 -25.37 8.93
C PRO D 129 -7.40 -25.68 7.53
N GLN D 130 -8.23 -26.71 7.40
CA GLN D 130 -8.82 -27.04 6.12
C GLN D 130 -9.90 -26.01 5.78
N PHE D 131 -10.15 -25.80 4.49
CA PHE D 131 -11.22 -24.90 4.09
C PHE D 131 -12.54 -25.40 4.69
N GLY D 132 -13.46 -24.48 4.96
CA GLY D 132 -14.69 -24.85 5.62
C GLY D 132 -14.63 -24.71 7.14
N THR D 133 -13.41 -24.61 7.66
CA THR D 133 -13.21 -24.42 9.09
C THR D 133 -13.79 -23.08 9.53
N SER D 134 -14.50 -23.06 10.64
CA SER D 134 -15.07 -21.82 11.18
C SER D 134 -14.03 -21.11 12.04
N CYS D 135 -13.87 -19.81 11.81
CA CYS D 135 -12.93 -19.02 12.59
C CYS D 135 -13.59 -17.70 13.01
N GLU D 136 -13.03 -17.08 14.05
CA GLU D 136 -13.57 -15.83 14.58
C GLU D 136 -12.77 -14.65 14.06
N ILE D 137 -13.48 -13.55 13.82
CA ILE D 137 -12.84 -12.26 13.56
C ILE D 137 -13.43 -11.23 14.50
N THR D 138 -12.65 -10.20 14.80
CA THR D 138 -13.00 -9.25 15.86
C THR D 138 -12.52 -7.87 15.45
N GLY D 139 -13.24 -6.84 15.86
CA GLY D 139 -12.75 -5.49 15.64
C GLY D 139 -13.76 -4.39 15.88
N PHE D 140 -13.32 -3.15 15.63
CA PHE D 140 -14.15 -1.95 15.81
C PHE D 140 -14.56 -1.37 14.46
N GLY D 141 -14.46 -2.16 13.40
CA GLY D 141 -14.75 -1.67 12.06
C GLY D 141 -16.21 -1.34 11.84
N LYS D 142 -16.52 -0.74 10.71
CA LYS D 142 -17.89 -0.36 10.37
C LYS D 142 -18.88 -1.51 10.44
N GLU D 143 -20.12 -1.20 10.81
CA GLU D 143 -21.16 -2.20 10.99
C GLU D 143 -22.02 -2.38 9.74
N ASN D 144 -21.92 -1.44 8.81
CA ASN D 144 -22.68 -1.51 7.57
C ASN D 144 -22.13 -0.48 6.59
N SER D 145 -22.72 -0.43 5.40
CA SER D 145 -22.19 0.38 4.30
C SER D 145 -22.45 1.89 4.44
N THR D 146 -23.38 2.26 5.31
CA THR D 146 -23.81 3.66 5.38
C THR D 146 -23.34 4.39 6.63
N ASP D 147 -22.99 3.66 7.69
CA ASP D 147 -22.51 4.29 8.91
C ASP D 147 -21.28 5.14 8.60
N TYR D 148 -21.18 6.29 9.24
CA TYR D 148 -20.01 7.14 9.08
C TYR D 148 -19.15 7.14 10.34
N LEU D 149 -19.61 6.42 11.37
CA LEU D 149 -18.86 6.25 12.61
C LEU D 149 -18.59 4.76 12.87
N TYR D 150 -17.52 4.47 13.60
CA TYR D 150 -17.26 3.11 14.10
C TYR D 150 -18.16 2.84 15.30
N PRO D 151 -18.49 1.55 15.54
CA PRO D 151 -19.22 1.17 16.75
C PRO D 151 -18.45 1.52 18.01
N GLU D 152 -19.18 1.83 19.08
CA GLU D 152 -18.56 2.16 20.36
C GLU D 152 -18.03 0.92 21.06
N GLN D 153 -18.59 -0.23 20.73
CA GLN D 153 -18.22 -1.47 21.42
C GLN D 153 -17.62 -2.50 20.45
N LEU D 154 -16.68 -3.28 20.96
CA LEU D 154 -16.02 -4.32 20.17
C LEU D 154 -17.04 -5.33 19.64
N LYS D 155 -16.85 -5.77 18.40
CA LYS D 155 -17.71 -6.79 17.81
C LYS D 155 -16.90 -8.02 17.41
N MET D 156 -17.58 -9.16 17.35
CA MET D 156 -16.98 -10.33 16.75
C MET D 156 -18.00 -11.09 15.93
N THR D 157 -17.51 -11.88 14.98
CA THR D 157 -18.39 -12.77 14.24
C THR D 157 -17.59 -13.97 13.79
N VAL D 158 -18.28 -14.88 13.11
CA VAL D 158 -17.67 -16.12 12.63
C VAL D 158 -17.74 -16.16 11.11
N VAL D 159 -16.65 -16.55 10.47
CA VAL D 159 -16.60 -16.74 9.03
C VAL D 159 -15.95 -18.10 8.76
N LYS D 160 -16.09 -18.60 7.54
CA LYS D 160 -15.48 -19.87 7.17
C LYS D 160 -14.37 -19.70 6.14
N LEU D 161 -13.31 -20.48 6.30
CA LEU D 161 -12.18 -20.41 5.37
C LEU D 161 -12.59 -20.88 3.99
N ILE D 162 -12.10 -20.19 2.96
CA ILE D 162 -12.35 -20.55 1.57
C ILE D 162 -11.04 -20.96 0.91
N SER D 163 -11.07 -22.01 0.09
CA SER D 163 -9.85 -22.50 -0.54
C SER D 163 -9.27 -21.45 -1.49
N HIS D 164 -7.96 -21.51 -1.68
CA HIS D 164 -7.29 -20.60 -2.60
C HIS D 164 -7.80 -20.79 -4.03
N ARG D 165 -7.98 -22.06 -4.42
CA ARG D 165 -8.45 -22.37 -5.76
C ARG D 165 -9.76 -21.66 -6.04
N GLU D 166 -10.64 -21.64 -5.04
CA GLU D 166 -11.91 -20.95 -5.16
C GLU D 166 -11.74 -19.44 -5.22
N CYS D 167 -10.94 -18.88 -4.31
CA CYS D 167 -10.82 -17.43 -4.22
C CYS D 167 -10.17 -16.82 -5.47
N GLN D 168 -9.40 -17.62 -6.19
CA GLN D 168 -8.69 -17.14 -7.38
C GLN D 168 -9.50 -17.25 -8.66
N GLN D 169 -10.71 -17.82 -8.58
CA GLN D 169 -11.62 -17.80 -9.71
C GLN D 169 -11.90 -16.35 -10.13
N PRO D 170 -12.15 -16.13 -11.41
CA PRO D 170 -12.31 -14.77 -11.97
C PRO D 170 -13.45 -13.97 -11.35
N HIS D 171 -14.54 -14.64 -11.00
CA HIS D 171 -15.69 -13.96 -10.41
C HIS D 171 -15.49 -13.71 -8.91
N TYR D 172 -14.47 -14.32 -8.33
CA TYR D 172 -14.03 -13.93 -7.00
C TYR D 172 -12.95 -12.87 -7.15
N TYR D 173 -11.68 -13.23 -6.99
CA TYR D 173 -10.63 -12.23 -7.02
C TYR D 173 -9.58 -12.43 -8.11
N GLY D 174 -9.64 -13.55 -8.81
CA GLY D 174 -8.68 -13.79 -9.88
C GLY D 174 -7.26 -13.85 -9.36
N SER D 175 -6.33 -13.25 -10.10
CA SER D 175 -4.91 -13.32 -9.74
C SER D 175 -4.55 -12.27 -8.70
N GLU D 176 -5.55 -11.52 -8.24
CA GLU D 176 -5.32 -10.52 -7.19
C GLU D 176 -4.98 -11.19 -5.87
N VAL D 177 -5.56 -12.37 -5.64
CA VAL D 177 -5.22 -13.14 -4.45
C VAL D 177 -4.06 -14.09 -4.72
N THR D 178 -3.09 -14.12 -3.81
CA THR D 178 -1.94 -14.98 -3.96
C THR D 178 -1.95 -16.04 -2.86
N THR D 179 -0.98 -16.95 -2.90
CA THR D 179 -0.92 -18.02 -1.93
C THR D 179 -0.44 -17.56 -0.55
N LYS D 180 -0.01 -16.29 -0.45
CA LYS D 180 0.36 -15.70 0.83
C LYS D 180 -0.85 -15.04 1.51
N MET D 181 -2.01 -15.20 0.90
CA MET D 181 -3.27 -14.67 1.43
C MET D 181 -4.25 -15.82 1.66
N LEU D 182 -5.17 -15.63 2.60
CA LEU D 182 -6.28 -16.55 2.74
C LEU D 182 -7.62 -15.83 2.75
N CYS D 183 -8.63 -16.47 2.20
CA CYS D 183 -9.96 -15.87 2.13
C CYS D 183 -10.90 -16.52 3.11
N ALA D 184 -11.83 -15.74 3.64
CA ALA D 184 -12.86 -16.28 4.51
C ALA D 184 -14.12 -15.45 4.37
N ALA D 185 -15.27 -16.10 4.51
CA ALA D 185 -16.54 -15.41 4.34
C ALA D 185 -17.66 -16.18 5.00
N ASP D 186 -18.80 -15.50 5.14
CA ASP D 186 -20.06 -16.14 5.50
C ASP D 186 -20.60 -16.84 4.26
N PRO D 187 -21.03 -18.10 4.40
CA PRO D 187 -21.68 -18.83 3.30
C PRO D 187 -22.84 -18.06 2.66
N GLN D 188 -23.56 -17.29 3.48
CA GLN D 188 -24.68 -16.51 2.98
C GLN D 188 -24.31 -15.04 2.75
N TRP D 189 -23.02 -14.72 2.92
CA TRP D 189 -22.50 -13.38 2.67
C TRP D 189 -23.18 -12.30 3.53
N LYS D 190 -23.49 -12.64 4.78
CA LYS D 190 -24.24 -11.71 5.63
C LYS D 190 -23.35 -11.09 6.71
N THR D 191 -22.19 -11.68 6.95
CA THR D 191 -21.27 -11.19 7.97
C THR D 191 -19.85 -11.20 7.41
N ASP D 192 -19.01 -10.28 7.87
CA ASP D 192 -17.72 -10.04 7.24
C ASP D 192 -16.94 -9.02 8.07
N SER D 193 -15.64 -8.94 7.82
CA SER D 193 -14.86 -7.83 8.35
C SER D 193 -15.12 -6.63 7.46
N CYS D 194 -14.79 -5.43 7.94
CA CYS D 194 -15.02 -4.25 7.12
C CYS D 194 -14.04 -3.14 7.46
N GLN D 195 -14.25 -1.98 6.85
CA GLN D 195 -13.35 -0.86 7.03
C GLN D 195 -13.18 -0.57 8.52
N GLY D 196 -11.93 -0.56 8.98
CA GLY D 196 -11.65 -0.39 10.39
C GLY D 196 -11.26 -1.68 11.10
N ASP D 197 -11.56 -2.82 10.48
CA ASP D 197 -11.17 -4.12 11.03
C ASP D 197 -9.77 -4.57 10.60
N SER D 198 -9.17 -3.87 9.64
CA SER D 198 -7.84 -4.22 9.16
C SER D 198 -6.84 -4.37 10.31
N GLY D 199 -5.95 -5.35 10.19
CA GLY D 199 -4.89 -5.56 11.16
C GLY D 199 -5.31 -6.54 12.24
N GLY D 200 -6.62 -6.72 12.41
CA GLY D 200 -7.14 -7.59 13.46
C GLY D 200 -7.06 -9.08 13.16
N PRO D 201 -7.34 -9.92 14.18
CA PRO D 201 -7.12 -11.37 14.13
C PRO D 201 -8.21 -12.15 13.40
N LEU D 202 -7.80 -13.10 12.57
CA LEU D 202 -8.65 -14.20 12.16
C LEU D 202 -8.19 -15.41 12.98
N VAL D 203 -9.03 -15.87 13.89
CA VAL D 203 -8.62 -16.91 14.82
C VAL D 203 -9.37 -18.21 14.63
N CYS D 204 -8.62 -19.31 14.55
CA CYS D 204 -9.25 -20.63 14.45
C CYS D 204 -8.76 -21.52 15.60
N SER D 205 -9.65 -22.40 16.06
CA SER D 205 -9.32 -23.31 17.14
C SER D 205 -8.61 -24.52 16.57
N LEU D 206 -7.33 -24.68 16.92
CA LEU D 206 -6.55 -25.81 16.44
C LEU D 206 -6.09 -26.68 17.59
N GLN D 207 -6.70 -27.86 17.71
CA GLN D 207 -6.39 -28.78 18.79
C GLN D 207 -6.57 -28.11 20.14
N GLY D 208 -7.65 -27.35 20.29
CA GLY D 208 -7.99 -26.76 21.56
C GLY D 208 -7.54 -25.31 21.72
N ARG D 209 -6.43 -24.96 21.09
CA ARG D 209 -5.87 -23.62 21.25
C ARG D 209 -6.27 -22.70 20.11
N MET D 210 -6.70 -21.49 20.48
CA MET D 210 -6.99 -20.46 19.48
C MET D 210 -5.68 -20.07 18.82
N THR D 211 -5.68 -20.03 17.50
CA THR D 211 -4.47 -19.80 16.73
C THR D 211 -4.68 -18.67 15.74
N LEU D 212 -3.67 -17.80 15.63
CA LEU D 212 -3.73 -16.64 14.74
C LEU D 212 -3.47 -17.11 13.32
N THR D 213 -4.53 -17.41 12.60
CA THR D 213 -4.41 -17.95 11.26
C THR D 213 -4.29 -16.84 10.21
N GLY D 214 -4.96 -15.71 10.46
CA GLY D 214 -4.94 -14.63 9.50
C GLY D 214 -4.95 -13.25 10.12
N ILE D 215 -4.60 -12.26 9.31
CA ILE D 215 -4.72 -10.85 9.66
C ILE D 215 -5.60 -10.16 8.63
N VAL D 216 -6.61 -9.43 9.10
CA VAL D 216 -7.55 -8.76 8.20
C VAL D 216 -6.80 -7.79 7.29
N SER D 217 -6.94 -7.95 5.97
CA SER D 217 -6.12 -7.15 5.05
C SER D 217 -6.91 -6.34 4.05
N TRP D 218 -7.73 -7.00 3.25
CA TRP D 218 -8.51 -6.26 2.26
C TRP D 218 -9.73 -7.02 1.79
N GLY D 219 -10.51 -6.37 0.93
CA GLY D 219 -11.64 -7.02 0.29
C GLY D 219 -12.31 -6.04 -0.64
N ARG D 220 -13.11 -6.54 -1.57
CA ARG D 220 -13.99 -5.70 -2.35
C ARG D 220 -15.27 -5.52 -1.55
N GLY D 221 -15.45 -4.34 -0.95
CA GLY D 221 -16.60 -4.10 -0.13
C GLY D 221 -16.67 -5.02 1.08
N CYS D 222 -17.84 -5.10 1.69
CA CYS D 222 -18.04 -5.87 2.92
C CYS D 222 -19.35 -6.67 2.84
N ALA D 223 -19.27 -7.96 3.14
CA ALA D 223 -20.43 -8.85 3.04
C ALA D 223 -21.05 -8.75 1.66
N LEU D 224 -20.19 -8.81 0.64
CA LEU D 224 -20.63 -8.75 -0.75
C LEU D 224 -20.49 -10.14 -1.37
N LYS D 225 -21.53 -10.57 -2.08
CA LYS D 225 -21.51 -11.91 -2.66
C LYS D 225 -20.28 -12.12 -3.55
N ASP D 226 -19.61 -13.24 -3.34
CA ASP D 226 -18.46 -13.66 -4.15
C ASP D 226 -17.22 -12.80 -3.95
N LYS D 227 -17.23 -11.95 -2.92
CA LYS D 227 -16.07 -11.14 -2.59
C LYS D 227 -15.69 -11.37 -1.14
N PRO D 228 -14.97 -12.45 -0.86
CA PRO D 228 -14.61 -12.82 0.52
C PRO D 228 -13.71 -11.78 1.15
N GLY D 229 -13.64 -11.80 2.48
CA GLY D 229 -12.59 -11.05 3.14
C GLY D 229 -11.27 -11.72 2.83
N VAL D 230 -10.24 -10.93 2.61
CA VAL D 230 -8.92 -11.50 2.37
C VAL D 230 -8.00 -11.17 3.54
N TYR D 231 -7.24 -12.16 3.98
CA TYR D 231 -6.42 -12.07 5.18
C TYR D 231 -5.00 -12.45 4.81
N THR D 232 -4.04 -11.85 5.50
CA THR D 232 -2.65 -12.24 5.38
C THR D 232 -2.50 -13.63 6.00
N ARG D 233 -1.90 -14.57 5.27
CA ARG D 233 -1.73 -15.92 5.78
C ARG D 233 -0.51 -15.98 6.68
N VAL D 234 -0.75 -15.99 7.98
CA VAL D 234 0.31 -15.78 8.95
C VAL D 234 1.38 -16.88 8.87
N SER D 235 0.96 -18.10 8.57
CA SER D 235 1.90 -19.22 8.50
C SER D 235 3.00 -19.02 7.44
N HIS D 236 2.71 -18.27 6.38
CA HIS D 236 3.74 -17.98 5.37
C HIS D 236 4.82 -17.07 5.90
N PHE D 237 4.47 -16.28 6.92
CA PHE D 237 5.36 -15.24 7.40
C PHE D 237 6.06 -15.59 8.71
N LEU D 238 5.99 -16.85 9.12
CA LEU D 238 6.64 -17.24 10.37
C LEU D 238 8.14 -16.97 10.33
N PRO D 239 8.82 -17.25 9.21
CA PRO D 239 10.24 -16.89 9.12
C PRO D 239 10.49 -15.38 9.28
N TRP D 240 9.64 -14.57 8.65
CA TRP D 240 9.75 -13.12 8.76
C TRP D 240 9.54 -12.67 10.20
N ILE D 241 8.53 -13.26 10.86
CA ILE D 241 8.23 -12.91 12.24
C ILE D 241 9.41 -13.28 13.12
N ARG D 242 9.96 -14.47 12.90
CA ARG D 242 11.07 -14.95 13.71
C ARG D 242 12.33 -14.10 13.57
N SER D 243 12.69 -13.73 12.35
CA SER D 243 13.92 -12.98 12.15
C SER D 243 13.79 -11.54 12.68
N HIS D 244 12.55 -11.03 12.70
CA HIS D 244 12.32 -9.66 13.16
C HIS D 244 11.94 -9.57 14.64
N THR D 245 11.65 -10.71 15.25
CA THR D 245 11.29 -10.75 16.67
C THR D 245 12.37 -11.39 17.52
N LYS D 246 13.21 -12.22 16.90
CA LYS D 246 14.28 -12.90 17.62
C LYS D 246 15.53 -12.04 17.69
#